data_3NS7
#
_entry.id   3NS7
#
_cell.length_a   63.950
_cell.length_b   63.950
_cell.length_c   158.550
_cell.angle_alpha   90.00
_cell.angle_beta   90.00
_cell.angle_gamma   90.00
#
_symmetry.space_group_name_H-M   'P 43 21 2'
#
loop_
_entity.id
_entity.type
_entity.pdbx_description
1 polymer Caspase-1
2 polymer Caspase-1
3 non-polymer '(3S)-4-hydroxy-3-{[(2S)-4-{[2-(2-methyl-1H-benzimidazol-1-yl)ethyl]amino}-2-(1-methylethyl)-4-oxobutanoyl]amino}butanoic acid'
4 water water
#
loop_
_entity_poly.entity_id
_entity_poly.type
_entity_poly.pdbx_seq_one_letter_code
_entity_poly.pdbx_strand_id
1 'polypeptide(L)'
;CSLEEAQRIWKQKSAEIYPIMDKSSRTRLALIICNEEFDSIPRRTGAEVDITGMTMLLQNLGYSVDVKKNLTASDMTTEL
EAFAHRPEHKTSDSTFLVFMSHGIREGICGKKHSEQVPDILQLNAIFNMLNTKNCPSLKDKPKVIIIQACRGDSPGVVWF
KD
;
A
2 'polypeptide(L)'
;AIKKAHIEKDFIAFCSSTPDNVSWRHPTMGSVFIGRLIEHMQEYACSCDVEEIFRKVRFSFEQPDGRAQMPTTERVTLTR
CFYLFPGH
;
B
#
# COMPACT_ATOMS: atom_id res chain seq x y z
N CYS A 1 8.94 15.37 5.30
CA CYS A 1 8.81 14.26 6.27
C CYS A 1 9.26 14.51 7.71
N SER A 2 8.27 14.77 8.58
CA SER A 2 8.59 15.08 9.98
C SER A 2 9.08 13.88 10.81
N LEU A 3 9.78 14.22 11.92
CA LEU A 3 10.86 13.34 12.38
C LEU A 3 10.75 12.61 13.74
N GLU A 4 11.66 12.96 14.70
CA GLU A 4 11.84 12.05 15.84
C GLU A 4 11.63 12.54 17.29
N GLU A 5 12.61 12.24 18.17
CA GLU A 5 12.40 12.15 19.63
C GLU A 5 11.01 12.24 20.23
N ALA A 6 10.40 11.07 20.19
CA ALA A 6 9.32 10.84 21.12
C ALA A 6 9.34 9.46 21.75
N GLN A 7 10.01 9.41 22.91
CA GLN A 7 10.04 8.17 23.67
C GLN A 7 8.75 7.80 24.36
N ARG A 8 7.86 8.84 24.49
CA ARG A 8 6.46 8.55 24.82
C ARG A 8 5.93 7.29 24.13
N ILE A 9 6.29 7.20 22.85
CA ILE A 9 5.93 6.04 22.05
C ILE A 9 6.42 4.68 22.58
N TRP A 10 7.73 4.59 22.91
CA TRP A 10 8.07 3.26 23.44
C TRP A 10 7.46 2.97 24.82
N LYS A 11 6.82 3.99 25.45
CA LYS A 11 6.03 3.74 26.66
C LYS A 11 4.55 4.08 26.50
N GLN A 12 3.93 3.27 25.63
CA GLN A 12 2.48 3.39 25.51
C GLN A 12 1.87 1.99 25.49
N LYS A 13 1.39 1.57 24.30
CA LYS A 13 0.93 0.20 24.11
C LYS A 13 2.11 -0.72 23.82
N SER A 14 3.17 -0.56 24.64
CA SER A 14 4.42 -1.17 24.19
C SER A 14 4.55 -2.67 24.46
N ALA A 15 5.48 -3.28 23.72
CA ALA A 15 5.51 -4.73 23.50
C ALA A 15 4.27 -5.36 22.89
N GLU A 16 3.23 -4.52 22.74
CA GLU A 16 2.52 -4.49 21.47
C GLU A 16 2.95 -3.35 20.55
N ILE A 17 4.26 -2.99 20.60
CA ILE A 17 4.71 -2.37 19.35
C ILE A 17 5.39 -3.41 18.46
N TYR A 18 5.53 -3.06 17.18
CA TYR A 18 6.45 -3.89 16.40
C TYR A 18 7.90 -3.51 16.70
N PRO A 19 8.71 -4.58 16.95
CA PRO A 19 10.14 -4.39 17.18
C PRO A 19 10.80 -3.86 15.93
N ILE A 20 11.44 -2.70 16.07
CA ILE A 20 12.11 -2.09 14.91
C ILE A 20 13.58 -2.42 15.01
N MET A 21 14.18 -2.56 13.82
CA MET A 21 15.59 -2.95 13.79
C MET A 21 16.46 -1.77 13.45
N ASP A 22 17.61 -1.76 14.14
CA ASP A 22 18.54 -0.63 14.14
C ASP A 22 18.86 -0.05 12.77
N LYS A 23 19.09 1.26 12.79
CA LYS A 23 19.23 1.87 11.48
C LYS A 23 20.53 1.63 10.73
N SER A 24 21.53 1.12 11.48
CA SER A 24 22.81 0.92 10.81
C SER A 24 22.89 -0.33 9.94
N SER A 25 22.30 -1.43 10.44
CA SER A 25 22.37 -2.65 9.64
C SER A 25 21.10 -3.05 8.89
N ARG A 26 20.26 -2.06 8.60
CA ARG A 26 19.07 -2.43 7.84
C ARG A 26 19.17 -2.45 6.32
N THR A 27 18.66 -3.56 5.77
CA THR A 27 18.37 -3.54 4.34
C THR A 27 16.89 -3.47 3.98
N ARG A 28 16.28 -2.30 4.23
CA ARG A 28 14.83 -2.32 3.98
C ARG A 28 14.40 -2.23 2.53
N LEU A 29 13.29 -2.92 2.24
CA LEU A 29 12.85 -3.02 0.83
C LEU A 29 11.40 -2.61 0.61
N ALA A 30 11.11 -2.01 -0.55
CA ALA A 30 9.71 -1.74 -0.86
C ALA A 30 9.43 -1.76 -2.34
N LEU A 31 8.23 -2.21 -2.71
CA LEU A 31 7.91 -2.35 -4.14
C LEU A 31 6.78 -1.46 -4.62
N ILE A 32 7.08 -0.64 -5.66
CA ILE A 32 6.01 0.04 -6.42
C ILE A 32 5.73 -0.67 -7.72
N ILE A 33 4.55 -1.28 -7.83
CA ILE A 33 4.09 -1.55 -9.20
C ILE A 33 3.06 -0.54 -9.70
N CYS A 34 3.45 0.11 -10.82
CA CYS A 34 2.55 1.12 -11.41
C CYS A 34 2.38 1.06 -12.91
N ASN A 35 1.12 0.79 -13.33
CA ASN A 35 0.83 0.73 -14.77
C ASN A 35 0.23 2.01 -15.36
N GLU A 36 0.78 2.43 -16.52
CA GLU A 36 0.27 3.62 -17.23
C GLU A 36 -0.21 3.41 -18.67
N GLU A 37 0.52 2.64 -19.48
CA GLU A 37 -0.01 2.25 -20.80
C GLU A 37 -0.79 0.96 -20.75
N PHE A 38 -1.92 0.98 -21.45
CA PHE A 38 -2.62 -0.28 -21.58
C PHE A 38 -2.95 -0.47 -23.03
N ASP A 39 -2.90 -1.73 -23.48
CA ASP A 39 -3.32 -2.08 -24.84
C ASP A 39 -4.65 -1.45 -25.24
N SER A 40 -5.63 -1.63 -24.34
CA SER A 40 -6.98 -1.28 -24.81
C SER A 40 -7.78 -0.20 -24.08
N ILE A 41 -7.29 0.16 -22.86
CA ILE A 41 -8.08 1.03 -21.98
C ILE A 41 -7.32 2.29 -21.52
N PRO A 42 -8.09 3.37 -21.19
CA PRO A 42 -7.50 4.71 -21.15
C PRO A 42 -6.24 4.91 -20.32
N ARG A 43 -5.20 5.25 -21.10
CA ARG A 43 -3.89 5.64 -20.55
C ARG A 43 -3.95 6.46 -19.24
N ARG A 44 -3.16 6.04 -18.24
CA ARG A 44 -3.31 6.62 -16.90
C ARG A 44 -2.65 7.96 -16.56
N THR A 45 -2.82 8.97 -17.45
CA THR A 45 -2.02 10.20 -17.27
C THR A 45 -2.06 10.79 -15.88
N GLY A 46 -0.90 11.26 -15.44
CA GLY A 46 -0.72 11.65 -14.06
C GLY A 46 -0.17 10.56 -13.15
N ALA A 47 0.11 9.38 -13.73
CA ALA A 47 0.54 8.33 -12.80
C ALA A 47 1.97 8.44 -12.30
N GLU A 48 2.77 9.11 -13.12
CA GLU A 48 4.12 9.50 -12.69
C GLU A 48 4.24 10.02 -11.24
N VAL A 49 3.63 11.19 -10.99
CA VAL A 49 3.70 11.69 -9.60
C VAL A 49 3.27 10.72 -8.49
N ASP A 50 2.36 9.80 -8.87
CA ASP A 50 2.11 8.67 -7.95
C ASP A 50 3.35 7.86 -7.65
N ILE A 51 4.04 7.49 -8.75
CA ILE A 51 5.32 6.80 -8.60
C ILE A 51 6.38 7.61 -7.83
N THR A 52 6.66 8.81 -8.38
CA THR A 52 7.54 9.72 -7.66
C THR A 52 7.26 9.90 -6.20
N GLY A 53 6.12 10.53 -5.90
CA GLY A 53 5.80 10.86 -4.52
C GLY A 53 5.98 9.64 -3.66
N MET A 54 5.35 8.54 -4.09
CA MET A 54 5.47 7.35 -3.27
C MET A 54 6.86 6.79 -3.06
N THR A 55 7.65 6.78 -4.13
CA THR A 55 9.05 6.38 -4.01
C THR A 55 9.92 7.28 -3.11
N MET A 56 9.63 8.60 -3.15
CA MET A 56 10.37 9.48 -2.24
C MET A 56 9.93 9.30 -0.80
N LEU A 57 8.61 9.26 -0.65
CA LEU A 57 8.00 8.95 0.63
C LEU A 57 8.62 7.69 1.25
N LEU A 58 8.56 6.62 0.47
CA LEU A 58 9.11 5.36 0.98
C LEU A 58 10.59 5.44 1.32
N GLN A 59 11.35 5.98 0.37
CA GLN A 59 12.78 6.17 0.59
C GLN A 59 13.10 6.98 1.83
N ASN A 60 12.53 8.20 1.89
CA ASN A 60 12.52 9.04 3.10
C ASN A 60 12.23 8.31 4.42
N LEU A 61 11.37 7.29 4.28
CA LEU A 61 10.88 6.54 5.42
C LEU A 61 11.82 5.43 5.85
N GLY A 62 12.90 5.28 5.05
CA GLY A 62 13.91 4.26 5.33
C GLY A 62 13.58 3.00 4.58
N TYR A 63 13.79 3.08 3.25
CA TYR A 63 13.43 1.97 2.36
C TYR A 63 14.14 2.10 1.04
N SER A 64 14.87 1.04 0.67
CA SER A 64 15.23 0.93 -0.74
C SER A 64 14.03 0.48 -1.55
N VAL A 65 13.84 1.19 -2.66
CA VAL A 65 12.51 1.05 -3.29
C VAL A 65 12.53 0.81 -4.80
N ASP A 66 12.07 -0.40 -5.16
CA ASP A 66 12.02 -0.81 -6.56
C ASP A 66 10.78 -0.35 -7.30
N VAL A 67 11.05 0.19 -8.50
CA VAL A 67 9.88 0.45 -9.32
C VAL A 67 9.82 -0.52 -10.47
N LYS A 68 8.67 -1.18 -10.64
CA LYS A 68 8.37 -1.67 -11.97
C LYS A 68 6.99 -1.22 -12.44
N LYS A 69 7.00 -0.99 -13.78
CA LYS A 69 5.91 -0.34 -14.51
C LYS A 69 5.44 -1.18 -15.68
N ASN A 70 4.16 -0.94 -16.07
CA ASN A 70 3.57 -1.52 -17.29
C ASN A 70 3.58 -3.04 -17.44
N LEU A 71 3.06 -3.66 -16.40
CA LEU A 71 3.09 -5.12 -16.36
C LEU A 71 1.73 -5.74 -16.63
N THR A 72 1.79 -6.97 -17.16
CA THR A 72 0.64 -7.88 -17.26
C THR A 72 0.25 -8.36 -15.84
N ALA A 73 -0.87 -9.07 -15.71
CA ALA A 73 -1.04 -9.72 -14.41
C ALA A 73 -0.02 -10.82 -14.15
N SER A 74 0.34 -11.52 -15.24
CA SER A 74 1.54 -12.37 -15.27
C SER A 74 2.74 -11.74 -14.59
N ASP A 75 3.46 -10.86 -15.30
CA ASP A 75 4.61 -10.19 -14.69
C ASP A 75 4.36 -9.58 -13.31
N MET A 76 3.09 -9.18 -13.07
CA MET A 76 2.78 -8.96 -11.66
C MET A 76 3.01 -10.13 -10.70
N THR A 77 2.38 -11.30 -10.91
CA THR A 77 2.84 -12.42 -10.07
C THR A 77 4.30 -12.80 -10.18
N THR A 78 4.84 -12.81 -11.39
CA THR A 78 6.23 -13.27 -11.39
C THR A 78 7.26 -12.33 -10.72
N GLU A 79 7.10 -11.02 -10.97
CA GLU A 79 7.96 -10.02 -10.30
C GLU A 79 7.75 -9.99 -8.79
N LEU A 80 6.45 -10.07 -8.47
CA LEU A 80 6.09 -10.08 -7.06
C LEU A 80 6.54 -11.33 -6.31
N GLU A 81 6.49 -12.43 -7.07
CA GLU A 81 7.08 -13.69 -6.62
C GLU A 81 8.55 -13.49 -6.29
N ALA A 82 9.25 -12.74 -7.15
CA ALA A 82 10.64 -12.36 -6.84
C ALA A 82 10.86 -11.44 -5.63
N PHE A 83 9.93 -10.47 -5.47
CA PHE A 83 10.05 -9.62 -4.28
C PHE A 83 10.02 -10.39 -2.97
N ALA A 84 9.21 -11.46 -2.99
CA ALA A 84 9.23 -12.42 -1.90
C ALA A 84 10.59 -13.03 -1.54
N HIS A 85 11.37 -13.36 -2.58
CA HIS A 85 12.60 -14.07 -2.24
C HIS A 85 13.79 -13.25 -1.83
N ARG A 86 13.71 -11.93 -2.08
CA ARG A 86 14.90 -11.08 -1.90
C ARG A 86 15.46 -11.18 -0.50
N PRO A 87 16.75 -11.60 -0.42
CA PRO A 87 17.33 -11.94 0.88
C PRO A 87 17.56 -10.78 1.83
N GLU A 88 17.42 -9.55 1.30
CA GLU A 88 17.37 -8.42 2.22
C GLU A 88 16.20 -8.41 3.20
N HIS A 89 15.13 -9.12 2.82
CA HIS A 89 14.07 -9.31 3.79
C HIS A 89 14.51 -9.81 5.17
N LYS A 90 15.56 -10.66 5.16
CA LYS A 90 15.97 -11.24 6.45
C LYS A 90 16.47 -10.20 7.42
N THR A 91 17.15 -9.19 6.86
CA THR A 91 17.51 -8.05 7.70
C THR A 91 16.60 -6.83 7.58
N SER A 92 15.28 -7.11 7.45
CA SER A 92 14.30 -6.02 7.37
C SER A 92 13.24 -6.14 8.46
N ASP A 93 12.77 -4.97 8.92
CA ASP A 93 11.75 -4.94 9.98
C ASP A 93 10.29 -4.81 9.50
N SER A 94 10.16 -4.82 8.15
CA SER A 94 8.89 -4.54 7.48
C SER A 94 9.02 -4.49 5.96
N THR A 95 7.84 -4.35 5.30
CA THR A 95 7.80 -3.91 3.90
C THR A 95 6.54 -3.17 3.45
N PHE A 96 6.72 -2.47 2.31
CA PHE A 96 5.61 -1.73 1.69
C PHE A 96 5.37 -2.11 0.24
N LEU A 97 4.26 -2.79 -0.02
CA LEU A 97 3.85 -3.00 -1.40
C LEU A 97 2.86 -1.95 -1.87
N VAL A 98 3.12 -1.47 -3.07
CA VAL A 98 2.10 -0.60 -3.61
C VAL A 98 1.83 -1.00 -5.03
N PHE A 99 0.54 -0.95 -5.36
CA PHE A 99 0.11 -1.09 -6.73
C PHE A 99 -0.65 0.16 -7.16
N MET A 100 -0.60 0.42 -8.46
CA MET A 100 -1.24 1.62 -9.01
C MET A 100 -1.76 1.32 -10.40
N SER A 101 -3.02 0.91 -10.54
CA SER A 101 -3.44 0.60 -11.91
C SER A 101 -4.84 1.08 -12.20
N HIS A 102 -5.39 0.68 -13.36
CA HIS A 102 -6.86 0.61 -13.40
C HIS A 102 -7.30 -0.55 -12.51
N GLY A 103 -8.60 -0.68 -12.30
CA GLY A 103 -9.01 -1.85 -11.51
C GLY A 103 -10.45 -2.18 -11.78
N ILE A 104 -10.81 -3.42 -11.43
CA ILE A 104 -12.21 -3.82 -11.48
C ILE A 104 -12.62 -4.30 -10.09
N ARG A 105 -13.86 -4.75 -10.04
CA ARG A 105 -14.45 -5.29 -8.81
C ARG A 105 -13.57 -6.30 -8.06
N GLU A 106 -13.18 -7.33 -8.82
CA GLU A 106 -12.26 -8.37 -8.36
C GLU A 106 -10.80 -7.96 -8.10
N GLY A 107 -10.26 -7.16 -9.03
CA GLY A 107 -8.84 -6.92 -8.82
C GLY A 107 -8.14 -5.81 -9.59
N ILE A 108 -6.83 -5.71 -9.30
CA ILE A 108 -6.02 -4.74 -10.03
C ILE A 108 -5.87 -5.23 -11.46
N CYS A 109 -5.84 -4.34 -12.47
CA CYS A 109 -5.69 -4.94 -13.79
C CYS A 109 -4.35 -4.65 -14.43
N GLY A 110 -3.99 -5.44 -15.45
CA GLY A 110 -2.64 -5.36 -15.99
C GLY A 110 -2.66 -4.79 -17.39
N LYS A 111 -1.53 -4.99 -18.10
CA LYS A 111 -1.31 -4.28 -19.35
C LYS A 111 -2.40 -4.43 -20.41
N LYS A 112 -3.01 -5.63 -20.45
CA LYS A 112 -3.78 -5.90 -21.65
C LYS A 112 -5.32 -5.90 -21.57
N HIS A 113 -5.83 -5.62 -20.35
CA HIS A 113 -7.28 -5.73 -20.06
C HIS A 113 -8.28 -4.96 -20.93
N SER A 114 -9.16 -5.73 -21.57
CA SER A 114 -10.47 -5.24 -21.99
C SER A 114 -11.56 -6.21 -21.56
N GLU A 115 -12.82 -5.95 -22.00
CA GLU A 115 -13.84 -6.94 -21.65
C GLU A 115 -13.76 -8.25 -22.43
N GLN A 116 -13.32 -8.15 -23.69
CA GLN A 116 -12.92 -9.42 -24.30
C GLN A 116 -11.51 -9.95 -23.96
N VAL A 117 -10.58 -9.05 -23.56
CA VAL A 117 -9.23 -9.51 -23.17
C VAL A 117 -8.82 -9.25 -21.69
N PRO A 118 -9.29 -10.13 -20.76
CA PRO A 118 -9.17 -9.82 -19.32
C PRO A 118 -7.85 -10.11 -18.59
N ASP A 119 -7.39 -9.09 -17.82
CA ASP A 119 -6.07 -9.19 -17.17
C ASP A 119 -5.99 -8.74 -15.70
N ILE A 120 -6.35 -9.64 -14.74
CA ILE A 120 -6.51 -9.17 -13.34
C ILE A 120 -5.72 -9.85 -12.18
N LEU A 121 -4.91 -9.04 -11.49
CA LEU A 121 -4.33 -9.50 -10.23
C LEU A 121 -5.29 -9.34 -9.06
N GLN A 122 -5.75 -10.48 -8.53
CA GLN A 122 -6.60 -10.39 -7.34
C GLN A 122 -5.82 -9.88 -6.13
N LEU A 123 -6.56 -9.09 -5.32
CA LEU A 123 -6.01 -8.71 -4.02
C LEU A 123 -5.74 -9.94 -3.14
N ASN A 124 -6.53 -10.97 -3.44
CA ASN A 124 -6.20 -12.30 -2.90
C ASN A 124 -4.75 -12.73 -3.16
N ALA A 125 -4.39 -12.59 -4.44
CA ALA A 125 -3.07 -13.06 -4.84
C ALA A 125 -1.93 -12.34 -4.15
N ILE A 126 -2.02 -11.01 -4.08
CA ILE A 126 -0.97 -10.26 -3.36
C ILE A 126 -0.64 -10.79 -1.97
N PHE A 127 -1.76 -11.19 -1.35
CA PHE A 127 -1.63 -11.77 -0.02
C PHE A 127 -1.08 -13.18 -0.01
N ASN A 128 -1.47 -13.96 -1.03
CA ASN A 128 -1.04 -15.35 -1.02
C ASN A 128 0.42 -15.55 -1.38
N MET A 129 1.00 -14.59 -2.10
CA MET A 129 2.46 -14.66 -2.21
C MET A 129 3.21 -14.16 -0.97
N LEU A 130 2.76 -13.02 -0.45
CA LEU A 130 3.52 -12.41 0.66
C LEU A 130 3.26 -12.90 2.09
N ASN A 131 2.89 -14.17 2.25
CA ASN A 131 2.65 -14.60 3.63
C ASN A 131 3.78 -15.41 4.28
N THR A 132 3.44 -16.02 5.42
CA THR A 132 4.47 -16.84 6.09
C THR A 132 4.96 -18.08 5.29
N LYS A 133 4.05 -18.54 4.41
CA LYS A 133 4.38 -19.69 3.56
C LYS A 133 5.34 -19.32 2.43
N ASN A 134 4.85 -18.39 1.59
CA ASN A 134 5.65 -18.12 0.40
C ASN A 134 6.73 -17.07 0.57
N CYS A 135 6.61 -16.29 1.65
CA CYS A 135 7.61 -15.27 1.97
C CYS A 135 8.05 -15.27 3.44
N PRO A 136 8.75 -16.36 3.84
CA PRO A 136 8.89 -16.63 5.28
C PRO A 136 9.78 -15.68 6.08
N SER A 137 10.68 -14.97 5.37
CA SER A 137 11.48 -13.97 6.08
C SER A 137 10.65 -12.85 6.74
N LEU A 138 9.35 -12.85 6.41
CA LEU A 138 8.54 -11.74 6.86
C LEU A 138 7.56 -11.97 8.00
N LYS A 139 7.60 -13.15 8.64
CA LYS A 139 6.70 -13.34 9.80
C LYS A 139 6.97 -12.44 11.01
N ASP A 140 5.90 -12.22 11.80
CA ASP A 140 5.93 -11.27 12.92
C ASP A 140 6.54 -9.90 12.57
N LYS A 141 6.28 -9.55 11.30
CA LYS A 141 6.89 -8.39 10.63
C LYS A 141 5.96 -7.75 9.61
N PRO A 142 5.59 -6.48 9.94
CA PRO A 142 4.51 -5.83 9.19
C PRO A 142 4.73 -5.57 7.70
N LYS A 143 3.57 -5.64 7.00
CA LYS A 143 3.55 -5.51 5.54
C LYS A 143 2.34 -4.72 5.04
N VAL A 144 2.56 -3.50 4.52
CA VAL A 144 1.36 -2.79 4.05
C VAL A 144 1.24 -2.72 2.53
N ILE A 145 -0.01 -2.81 1.99
CA ILE A 145 -0.22 -3.19 0.57
C ILE A 145 -0.67 -2.14 -0.48
N ILE A 146 -0.96 -0.92 -0.01
CA ILE A 146 -1.30 0.25 -0.85
C ILE A 146 -1.70 0.08 -2.32
N ILE A 147 -3.04 0.03 -2.48
CA ILE A 147 -3.60 -0.14 -3.82
C ILE A 147 -4.33 1.08 -4.31
N GLN A 148 -3.62 1.82 -5.15
CA GLN A 148 -4.25 2.84 -6.00
C GLN A 148 -4.77 2.20 -7.28
N ALA A 149 -6.10 2.02 -7.31
CA ALA A 149 -6.81 1.55 -8.49
C ALA A 149 -8.29 1.71 -8.25
N CYS A 150 -9.04 1.78 -9.36
CA CYS A 150 -10.50 1.87 -9.23
C CYS A 150 -11.11 0.55 -8.82
N ARG A 151 -12.07 0.62 -7.90
CA ARG A 151 -12.74 -0.63 -7.50
C ARG A 151 -14.01 -1.05 -8.24
N GLY A 152 -14.24 -0.44 -9.41
CA GLY A 152 -15.56 -0.56 -10.05
C GLY A 152 -16.01 0.81 -10.57
N ASP A 153 -17.13 0.81 -11.31
CA ASP A 153 -17.49 1.97 -12.12
C ASP A 153 -18.32 3.08 -11.49
N SER A 154 -19.08 2.68 -10.45
CA SER A 154 -19.97 3.63 -9.78
C SER A 154 -19.21 4.78 -9.11
N PRO A 155 -19.79 6.01 -9.23
CA PRO A 155 -19.25 7.13 -8.46
C PRO A 155 -19.56 6.88 -7.00
N GLY A 156 -18.93 7.70 -6.16
CA GLY A 156 -18.97 7.25 -4.77
C GLY A 156 -20.28 7.23 -3.99
N VAL A 157 -21.39 7.68 -4.63
CA VAL A 157 -22.36 8.45 -3.83
C VAL A 157 -23.86 8.15 -3.89
N VAL A 158 -24.50 8.54 -2.77
CA VAL A 158 -25.96 8.54 -2.62
C VAL A 158 -26.44 9.97 -2.37
N TRP A 159 -27.65 10.29 -2.83
CA TRP A 159 -28.23 11.61 -2.46
C TRP A 159 -29.02 11.64 -1.16
N PHE A 160 -28.89 12.80 -0.47
CA PHE A 160 -29.79 13.07 0.66
C PHE A 160 -30.39 14.47 0.62
N LYS A 161 -31.55 14.61 1.30
CA LYS A 161 -32.34 15.85 1.29
C LYS A 161 -32.05 16.75 2.49
N ASP A 162 -31.83 18.04 2.22
CA ASP A 162 -31.83 19.01 3.32
C ASP A 162 -32.90 20.08 3.21
N ALA B 1 11.68 -29.83 17.24
CA ALA B 1 12.17 -28.93 16.19
C ALA B 1 11.08 -28.34 15.31
N ILE B 2 9.86 -28.91 15.44
CA ILE B 2 8.86 -28.42 14.51
C ILE B 2 7.65 -27.74 15.17
N LYS B 3 7.69 -26.41 15.08
CA LYS B 3 6.64 -25.64 15.78
C LYS B 3 5.64 -25.04 14.81
N LYS B 4 4.56 -24.43 15.34
CA LYS B 4 3.58 -23.89 14.39
C LYS B 4 3.50 -22.38 14.38
N ALA B 5 3.27 -21.87 13.17
CA ALA B 5 3.07 -20.43 13.01
C ALA B 5 1.77 -20.16 12.29
N HIS B 6 1.20 -18.96 12.53
CA HIS B 6 0.07 -18.56 11.71
C HIS B 6 0.46 -18.34 10.28
N ILE B 7 -0.35 -18.90 9.37
CA ILE B 7 -0.11 -18.56 7.96
C ILE B 7 -0.49 -17.13 7.53
N GLU B 8 -1.45 -16.53 8.25
CA GLU B 8 -1.70 -15.13 7.93
C GLU B 8 -1.64 -14.23 9.15
N LYS B 9 -0.72 -13.27 9.05
CA LYS B 9 -0.51 -12.33 10.14
C LYS B 9 0.13 -11.05 9.58
N ASP B 10 0.14 -9.98 10.39
CA ASP B 10 0.92 -8.76 10.13
C ASP B 10 0.65 -7.92 8.86
N PHE B 11 -0.42 -8.33 8.15
CA PHE B 11 -0.84 -7.53 6.99
C PHE B 11 -1.60 -6.27 7.29
N ILE B 12 -1.65 -5.44 6.24
CA ILE B 12 -2.69 -4.42 6.14
C ILE B 12 -2.80 -3.85 4.72
N ALA B 13 -3.98 -4.12 4.13
CA ALA B 13 -4.16 -3.42 2.86
C ALA B 13 -4.82 -2.07 3.04
N PHE B 14 -4.36 -1.12 2.20
CA PHE B 14 -5.07 0.16 2.09
C PHE B 14 -5.35 0.47 0.64
N CYS B 15 -6.66 0.51 0.28
CA CYS B 15 -7.05 0.90 -1.07
C CYS B 15 -7.50 2.35 -1.19
N SER B 16 -7.65 2.76 -2.46
CA SER B 16 -8.15 4.10 -2.78
C SER B 16 -9.66 4.36 -2.58
N SER B 17 -10.49 3.35 -2.90
CA SER B 17 -11.93 3.52 -2.70
C SER B 17 -12.58 2.30 -2.05
N THR B 18 -13.84 2.50 -1.62
CA THR B 18 -14.67 1.34 -1.26
C THR B 18 -15.02 0.48 -2.50
N PRO B 19 -15.49 -0.78 -2.22
CA PRO B 19 -15.98 -1.64 -3.31
C PRO B 19 -17.07 -0.97 -4.13
N ASP B 20 -17.14 -1.41 -5.40
CA ASP B 20 -18.10 -0.89 -6.38
C ASP B 20 -17.79 0.53 -6.89
N ASN B 21 -16.87 1.20 -6.16
CA ASN B 21 -16.72 2.63 -6.42
C ASN B 21 -15.33 3.11 -6.82
N VAL B 22 -15.34 4.30 -7.44
CA VAL B 22 -14.20 4.74 -8.23
C VAL B 22 -13.07 5.56 -7.56
N SER B 23 -11.88 5.46 -8.17
CA SER B 23 -10.79 6.30 -7.69
C SER B 23 -10.35 7.41 -8.65
N TRP B 24 -10.23 8.61 -8.09
CA TRP B 24 -9.82 9.74 -8.91
C TRP B 24 -8.31 9.93 -8.95
N ARG B 25 -7.93 10.52 -10.09
CA ARG B 25 -6.55 10.76 -10.47
C ARG B 25 -6.50 11.93 -11.45
N HIS B 26 -6.05 13.06 -10.92
CA HIS B 26 -5.95 14.26 -11.75
C HIS B 26 -4.66 14.31 -12.59
N PRO B 27 -4.89 14.44 -13.93
CA PRO B 27 -3.85 14.77 -14.90
C PRO B 27 -2.54 15.41 -14.42
N THR B 28 -2.57 16.68 -13.96
CA THR B 28 -1.22 17.13 -13.60
C THR B 28 -0.83 17.01 -12.13
N MET B 29 -1.73 16.41 -11.35
CA MET B 29 -1.46 16.32 -9.92
C MET B 29 -1.60 14.94 -9.32
N GLY B 30 -1.48 13.92 -10.18
CA GLY B 30 -1.60 12.58 -9.61
C GLY B 30 -2.94 12.17 -9.02
N SER B 31 -2.89 10.97 -8.47
CA SER B 31 -4.02 10.46 -7.72
C SER B 31 -4.34 11.18 -6.43
N VAL B 32 -5.60 11.65 -6.35
CA VAL B 32 -5.95 12.32 -5.09
C VAL B 32 -5.81 11.44 -3.83
N PHE B 33 -6.01 10.12 -4.06
CA PHE B 33 -5.58 9.21 -3.01
C PHE B 33 -4.08 9.20 -2.71
N ILE B 34 -3.26 9.16 -3.76
CA ILE B 34 -1.83 9.14 -3.50
C ILE B 34 -1.37 10.40 -2.80
N GLY B 35 -1.62 11.57 -3.42
CA GLY B 35 -1.32 12.86 -2.79
C GLY B 35 -1.57 12.88 -1.29
N ARG B 36 -2.81 12.54 -0.94
CA ARG B 36 -3.27 12.61 0.44
C ARG B 36 -2.61 11.64 1.44
N LEU B 37 -2.44 10.39 0.93
CA LEU B 37 -1.62 9.42 1.67
C LEU B 37 -0.27 9.98 2.06
N ILE B 38 0.47 10.40 1.00
CA ILE B 38 1.78 11.01 1.18
C ILE B 38 1.81 12.14 2.19
N GLU B 39 0.94 13.13 1.95
CA GLU B 39 0.79 14.25 2.89
C GLU B 39 0.62 13.84 4.35
N HIS B 40 -0.32 12.90 4.56
CA HIS B 40 -0.50 12.38 5.93
C HIS B 40 0.63 11.54 6.48
N MET B 41 1.33 10.87 5.55
CA MET B 41 2.42 10.04 6.05
C MET B 41 3.54 10.88 6.62
N GLN B 42 3.76 12.00 5.94
CA GLN B 42 4.76 12.96 6.40
C GLN B 42 4.52 13.51 7.78
N GLU B 43 3.29 14.02 7.97
CA GLU B 43 3.10 14.70 9.24
C GLU B 43 2.80 13.78 10.42
N TYR B 44 2.19 12.63 10.09
CA TYR B 44 1.82 11.86 11.27
C TYR B 44 2.67 10.62 11.55
N ALA B 45 3.70 10.39 10.70
CA ALA B 45 4.56 9.19 10.75
C ALA B 45 5.08 8.67 12.10
N CYS B 46 5.44 9.65 12.93
CA CYS B 46 5.57 9.28 14.34
C CYS B 46 5.06 10.27 15.33
N SER B 47 4.04 10.99 14.88
CA SER B 47 3.14 11.30 15.98
C SER B 47 2.30 10.07 16.33
N CYS B 48 1.94 9.35 15.25
CA CYS B 48 0.99 8.23 15.29
C CYS B 48 1.49 6.94 14.62
N ASP B 49 0.66 5.88 14.71
CA ASP B 49 0.97 4.61 14.03
C ASP B 49 0.21 4.40 12.72
N VAL B 50 0.48 3.28 12.01
CA VAL B 50 -0.21 3.13 10.73
C VAL B 50 -1.71 2.91 10.73
N GLU B 51 -2.24 2.26 11.79
CA GLU B 51 -3.71 2.17 11.84
C GLU B 51 -4.34 3.54 11.99
N GLU B 52 -3.86 4.25 13.02
CA GLU B 52 -4.20 5.67 13.14
C GLU B 52 -4.03 6.48 11.86
N ILE B 53 -2.78 6.61 11.37
CA ILE B 53 -2.57 7.39 10.13
C ILE B 53 -3.50 7.00 8.99
N PHE B 54 -3.75 5.69 8.84
CA PHE B 54 -4.71 5.33 7.79
C PHE B 54 -6.17 5.70 8.07
N ARG B 55 -6.51 5.74 9.37
CA ARG B 55 -7.77 6.37 9.75
C ARG B 55 -7.87 7.83 9.32
N LYS B 56 -6.88 8.61 9.77
CA LYS B 56 -6.87 10.04 9.42
C LYS B 56 -7.16 10.34 7.94
N VAL B 57 -6.45 9.61 7.05
CA VAL B 57 -6.67 9.97 5.64
C VAL B 57 -8.06 9.68 5.08
N ARG B 58 -8.66 8.67 5.73
CA ARG B 58 -10.05 8.29 5.48
C ARG B 58 -10.99 9.44 5.87
N PHE B 59 -10.72 9.94 7.10
CA PHE B 59 -11.38 11.15 7.59
C PHE B 59 -11.29 12.35 6.64
N SER B 60 -10.09 12.57 6.10
CA SER B 60 -10.01 13.74 5.19
C SER B 60 -10.77 13.68 3.86
N PHE B 61 -11.56 12.62 3.67
CA PHE B 61 -12.26 12.59 2.39
C PHE B 61 -13.77 12.68 2.58
N GLU B 62 -14.16 13.00 3.83
CA GLU B 62 -15.47 12.55 4.26
C GLU B 62 -16.70 13.28 3.73
N GLN B 63 -16.72 14.61 3.93
CA GLN B 63 -17.78 15.40 3.31
C GLN B 63 -17.52 15.54 1.82
N PRO B 64 -18.37 14.90 1.00
CA PRO B 64 -18.05 14.77 -0.42
C PRO B 64 -17.79 16.06 -1.20
N ASP B 65 -16.57 16.10 -1.76
CA ASP B 65 -16.35 17.06 -2.83
C ASP B 65 -16.97 16.58 -4.13
N GLY B 66 -16.67 17.31 -5.22
CA GLY B 66 -17.27 16.88 -6.49
C GLY B 66 -16.80 15.52 -6.99
N ARG B 67 -15.58 15.16 -6.54
CA ARG B 67 -15.02 13.88 -6.95
C ARG B 67 -14.65 12.98 -5.78
N ALA B 68 -15.78 12.51 -5.23
CA ALA B 68 -15.74 11.81 -3.95
C ALA B 68 -15.20 10.40 -4.04
N GLN B 69 -14.51 9.98 -2.97
CA GLN B 69 -14.08 8.57 -2.82
C GLN B 69 -13.66 8.25 -1.40
N MET B 70 -14.20 7.17 -0.83
CA MET B 70 -13.76 6.85 0.53
C MET B 70 -12.75 5.71 0.59
N PRO B 71 -11.48 6.07 0.94
CA PRO B 71 -10.44 5.04 1.15
C PRO B 71 -10.79 3.94 2.15
N THR B 72 -10.52 2.67 1.81
CA THR B 72 -10.78 1.60 2.79
C THR B 72 -9.56 0.75 3.10
N THR B 73 -9.60 0.26 4.35
CA THR B 73 -8.58 -0.63 4.89
C THR B 73 -9.11 -2.07 4.95
N GLU B 74 -8.74 -2.86 3.93
CA GLU B 74 -9.16 -4.27 3.98
C GLU B 74 -8.18 -5.06 4.83
N ARG B 75 -8.66 -6.19 5.38
CA ARG B 75 -7.73 -7.27 5.74
C ARG B 75 -6.48 -6.86 6.50
N VAL B 76 -6.77 -6.13 7.59
CA VAL B 76 -5.66 -5.87 8.49
C VAL B 76 -5.49 -7.06 9.42
N THR B 77 -4.28 -7.60 9.43
CA THR B 77 -3.96 -8.58 10.46
C THR B 77 -2.80 -8.14 11.34
N LEU B 78 -2.55 -6.82 11.34
CA LEU B 78 -1.59 -6.31 12.33
C LEU B 78 -1.93 -6.76 13.74
N THR B 79 -0.99 -7.45 14.40
CA THR B 79 -1.31 -7.71 15.80
C THR B 79 -0.89 -6.62 16.76
N ARG B 80 0.07 -5.80 16.30
CA ARG B 80 0.68 -4.79 17.18
C ARG B 80 0.71 -3.43 16.49
N CYS B 81 0.94 -2.39 17.30
CA CYS B 81 1.03 -1.07 16.72
C CYS B 81 2.22 -0.84 15.81
N PHE B 82 1.87 -0.48 14.56
CA PHE B 82 2.99 -0.08 13.72
C PHE B 82 3.31 1.40 13.77
N TYR B 83 4.12 1.71 14.76
CA TYR B 83 4.78 3.01 14.81
C TYR B 83 6.02 3.03 13.94
N LEU B 84 6.19 4.14 13.21
CA LEU B 84 7.12 4.07 12.08
C LEU B 84 8.44 4.87 12.21
N PHE B 85 8.79 5.13 13.48
CA PHE B 85 9.95 5.92 13.93
C PHE B 85 10.91 6.49 12.88
N PRO B 86 10.46 7.56 12.17
CA PRO B 86 11.29 8.11 11.09
C PRO B 86 12.58 8.71 11.61
N GLY B 87 13.65 7.96 11.27
CA GLY B 87 14.97 8.42 11.67
C GLY B 87 15.68 7.44 12.61
N HIS B 88 15.12 6.23 12.67
CA HIS B 88 15.70 5.19 13.52
C HIS B 88 15.55 3.88 12.76
#